data_8YT7
#
_entry.id   8YT7
#
_cell.length_a   57.020
_cell.length_b   57.020
_cell.length_c   159.934
_cell.angle_alpha   90.00
_cell.angle_beta   90.00
_cell.angle_gamma   120.00
#
_symmetry.space_group_name_H-M   'P 32 2 1'
#
loop_
_entity.id
_entity.type
_entity.pdbx_description
1 polymer 'Scavenger receptor SR-C-like protein'
2 non-polymer 2-acetamido-2-deoxy-beta-D-glucopyranose
3 non-polymer 'CALCIUM ION'
4 water water
#
_entity_poly.entity_id   1
_entity_poly.type   'polypeptide(L)'
_entity_poly.pdbx_seq_one_letter_code
;DPTECDFELPDLCGWKPDELHDFDWRRLNKKTPSSFLQTGPSYDHTYGKNGSGYYMYIETTGRTENETARLLSPVYDAEL
AKNGCFIFYYHMYGRGMGGLRVYQKPDRVPMYQLLSSSKRNNYLLFEQWGDQGNEWYSSASMLTDVDDDFQIVIEGIRGN
SFMSDIAIDDVSIQRGENCTKAMLHHHHH
;
_entity_poly.pdbx_strand_id   A
#
loop_
_chem_comp.id
_chem_comp.type
_chem_comp.name
_chem_comp.formula
CA non-polymer 'CALCIUM ION' 'Ca 2'
NAG D-saccharide, beta linking 2-acetamido-2-deoxy-beta-D-glucopyranose 'C8 H15 N O6'
#
# COMPACT_ATOMS: atom_id res chain seq x y z
N ASP A 1 4.74 3.22 -19.55
CA ASP A 1 4.07 3.15 -18.25
C ASP A 1 4.99 2.54 -17.18
N PRO A 2 5.18 3.26 -16.07
CA PRO A 2 6.05 2.77 -14.99
C PRO A 2 5.40 1.67 -14.15
N THR A 3 6.17 0.60 -13.91
CA THR A 3 5.71 -0.56 -13.14
C THR A 3 6.27 -0.57 -11.71
N GLU A 4 6.95 0.50 -11.31
CA GLU A 4 7.51 0.60 -9.97
C GLU A 4 7.53 2.08 -9.59
N CYS A 5 7.38 2.36 -8.29
CA CYS A 5 7.41 3.74 -7.80
C CYS A 5 8.06 3.83 -6.44
N ASP A 6 9.03 4.75 -6.33
CA ASP A 6 9.69 5.05 -5.08
C ASP A 6 9.12 6.31 -4.42
N PHE A 7 8.17 6.98 -5.08
CA PHE A 7 7.45 8.14 -4.57
C PHE A 7 8.32 9.36 -4.35
N GLU A 8 9.49 9.40 -4.99
CA GLU A 8 10.36 10.55 -4.83
C GLU A 8 9.85 11.76 -5.59
N LEU A 9 9.08 11.55 -6.66
CA LEU A 9 8.57 12.70 -7.38
C LEU A 9 7.13 12.97 -6.97
N PRO A 10 6.64 14.21 -7.08
CA PRO A 10 5.26 14.50 -6.65
C PRO A 10 4.18 13.88 -7.54
N ASP A 11 4.47 13.46 -8.78
CA ASP A 11 3.46 12.83 -9.63
C ASP A 11 3.23 11.35 -9.29
N LEU A 12 4.02 10.77 -8.40
CA LEU A 12 3.78 9.42 -7.85
C LEU A 12 3.71 8.34 -8.93
N CYS A 13 4.40 8.54 -10.06
CA CYS A 13 4.51 7.51 -11.10
C CYS A 13 3.13 7.16 -11.65
N GLY A 14 2.16 8.07 -11.51
CA GLY A 14 0.83 7.88 -12.04
C GLY A 14 -0.16 7.32 -11.05
N TRP A 15 0.27 7.00 -9.83
CA TRP A 15 -0.68 6.62 -8.80
C TRP A 15 -1.55 7.82 -8.42
N LYS A 16 -2.81 7.56 -8.14
CA LYS A 16 -3.76 8.63 -7.84
C LYS A 16 -4.69 8.15 -6.75
N PRO A 17 -5.27 9.07 -5.97
CA PRO A 17 -6.20 8.65 -4.93
C PRO A 17 -7.53 8.21 -5.51
N ASP A 18 -8.27 7.47 -4.71
CA ASP A 18 -9.63 7.10 -5.05
C ASP A 18 -10.52 8.35 -5.02
N GLU A 19 -11.38 8.50 -6.03
CA GLU A 19 -12.23 9.68 -6.16
C GLU A 19 -13.31 9.72 -5.07
N LEU A 20 -13.68 8.56 -4.53
CA LEU A 20 -14.64 8.50 -3.44
C LEU A 20 -13.99 7.68 -2.32
N HIS A 21 -13.23 8.37 -1.47
CA HIS A 21 -12.88 7.82 -0.17
C HIS A 21 -12.94 8.92 0.88
N ASP A 22 -12.62 8.53 2.11
CA ASP A 22 -12.72 9.45 3.24
C ASP A 22 -11.60 10.48 3.23
N PHE A 23 -10.36 10.08 2.94
CA PHE A 23 -9.25 11.03 2.87
C PHE A 23 -8.09 10.49 2.04
N ASP A 24 -7.22 11.41 1.60
CA ASP A 24 -6.09 11.08 0.74
C ASP A 24 -4.90 10.58 1.55
N TRP A 25 -4.18 9.64 0.97
CA TRP A 25 -2.80 9.40 1.35
C TRP A 25 -1.96 10.64 1.06
N ARG A 26 -0.97 10.88 1.89
CA ARG A 26 -0.08 12.02 1.78
C ARG A 26 1.33 11.58 1.43
N ARG A 27 2.03 12.39 0.65
CA ARG A 27 3.45 12.15 0.42
C ARG A 27 4.23 12.95 1.45
N LEU A 28 5.20 12.34 2.12
CA LEU A 28 5.99 13.01 3.15
C LEU A 28 7.41 12.54 3.27
N ASN A 29 8.26 13.41 3.78
CA ASN A 29 9.67 13.12 3.87
C ASN A 29 10.14 12.36 5.04
N LYS A 30 10.09 12.90 6.22
CA LYS A 30 10.71 12.18 7.30
C LYS A 30 9.83 11.69 8.39
N LYS A 31 9.61 12.51 9.38
CA LYS A 31 8.80 12.12 10.49
C LYS A 31 7.39 12.60 10.40
N THR A 32 6.46 11.78 10.82
CA THR A 32 5.07 12.14 10.83
C THR A 32 4.78 13.18 11.95
N PRO A 33 3.80 14.12 11.76
CA PRO A 33 3.62 15.09 12.86
C PRO A 33 3.31 14.47 14.22
N SER A 34 2.68 13.29 14.28
CA SER A 34 2.40 12.64 15.56
C SER A 34 3.52 11.69 16.04
N SER A 35 4.70 11.65 15.39
CA SER A 35 5.79 10.70 15.74
C SER A 35 6.25 10.58 17.15
N PHE A 36 6.27 11.69 17.85
CA PHE A 36 6.69 11.72 19.23
C PHE A 36 5.84 10.84 20.08
N LEU A 37 4.67 10.50 19.59
CA LEU A 37 3.83 9.66 20.33
C LEU A 37 3.85 8.25 19.83
N GLN A 38 4.97 7.77 19.27
CA GLN A 38 5.09 6.36 18.90
C GLN A 38 4.14 5.98 17.78
N THR A 39 4.26 6.67 16.64
CA THR A 39 3.47 6.27 15.49
C THR A 39 4.15 6.79 14.22
N GLY A 40 4.00 6.02 13.14
CA GLY A 40 4.48 6.40 11.83
C GLY A 40 5.97 6.21 11.64
N PRO A 41 6.39 6.16 10.37
CA PRO A 41 7.81 6.05 10.05
C PRO A 41 8.59 7.27 10.50
N SER A 42 9.90 7.12 10.58
CA SER A 42 10.80 8.25 10.77
C SER A 42 11.58 8.61 9.52
N TYR A 43 11.54 7.76 8.49
CA TYR A 43 12.18 7.97 7.20
C TYR A 43 11.61 6.94 6.24
N ASP A 44 11.82 7.16 4.93
CA ASP A 44 11.23 6.26 3.95
C ASP A 44 12.07 5.01 3.80
N HIS A 45 11.63 4.10 2.93
CA HIS A 45 12.48 2.94 2.68
C HIS A 45 13.51 3.17 1.58
N THR A 46 13.19 4.00 0.59
CA THR A 46 14.10 4.10 -0.55
C THR A 46 15.51 4.53 -0.13
N TYR A 47 15.62 5.63 0.62
CA TYR A 47 16.91 6.17 1.04
C TYR A 47 17.23 5.91 2.51
N GLY A 48 16.30 5.34 3.27
CA GLY A 48 16.54 4.84 4.62
C GLY A 48 16.96 5.91 5.61
N LYS A 49 17.67 5.47 6.65
CA LYS A 49 17.95 6.31 7.81
C LYS A 49 18.81 7.52 7.44
N ASN A 50 18.54 8.66 8.11
CA ASN A 50 19.26 9.93 7.89
C ASN A 50 19.06 10.48 6.47
N GLY A 51 18.03 10.01 5.75
CA GLY A 51 18.06 9.99 4.30
C GLY A 51 17.29 11.00 3.48
N SER A 52 16.16 11.52 3.99
CA SER A 52 15.33 12.50 3.28
C SER A 52 14.61 11.93 2.05
N GLY A 53 14.24 10.66 2.06
CA GLY A 53 13.42 10.11 1.01
C GLY A 53 11.95 10.11 1.37
N TYR A 54 11.09 9.93 0.38
CA TYR A 54 9.65 10.14 0.52
C TYR A 54 8.87 8.84 0.57
N TYR A 55 7.87 8.79 1.45
CA TYR A 55 6.91 7.69 1.48
C TYR A 55 5.49 8.25 1.37
N MET A 56 4.52 7.35 1.28
CA MET A 56 3.12 7.71 1.41
C MET A 56 2.58 7.22 2.74
N TYR A 57 1.67 8.01 3.33
CA TYR A 57 1.15 7.66 4.65
C TYR A 57 -0.25 8.23 4.81
N ILE A 58 -1.03 7.61 5.69
CA ILE A 58 -2.32 8.16 6.08
C ILE A 58 -2.12 9.00 7.33
N GLU A 59 -2.59 10.25 7.29
CA GLU A 59 -2.63 11.07 8.50
C GLU A 59 -3.87 10.69 9.28
N THR A 60 -3.68 10.14 10.47
CA THR A 60 -4.81 9.67 11.23
C THR A 60 -5.25 10.66 12.31
N THR A 61 -4.50 11.73 12.56
CA THR A 61 -4.94 12.77 13.50
C THR A 61 -6.19 13.45 12.96
N GLY A 62 -7.25 13.46 13.77
CA GLY A 62 -8.45 14.16 13.43
C GLY A 62 -9.39 13.44 12.48
N ARG A 63 -9.06 12.22 12.09
CA ARG A 63 -9.96 11.34 11.36
C ARG A 63 -10.61 10.33 12.31
N THR A 64 -11.60 9.63 11.78
CA THR A 64 -12.45 8.70 12.52
C THR A 64 -12.05 7.26 12.27
N GLU A 65 -12.23 6.43 13.29
CA GLU A 65 -11.92 5.01 13.21
C GLU A 65 -12.63 4.36 12.04
N ASN A 66 -11.91 3.51 11.31
CA ASN A 66 -12.40 2.69 10.21
C ASN A 66 -12.77 3.51 8.98
N GLU A 67 -12.50 4.82 8.97
CA GLU A 67 -12.42 5.57 7.72
C GLU A 67 -11.26 5.06 6.88
N THR A 68 -11.42 5.12 5.56
CA THR A 68 -10.49 4.46 4.66
C THR A 68 -9.94 5.43 3.62
N ALA A 69 -8.69 5.17 3.22
CA ALA A 69 -7.99 5.92 2.21
C ALA A 69 -7.49 4.96 1.14
N ARG A 70 -7.68 5.30 -0.13
CA ARG A 70 -7.25 4.39 -1.18
C ARG A 70 -6.34 5.11 -2.17
N LEU A 71 -5.28 4.40 -2.57
CA LEU A 71 -4.30 4.86 -3.54
C LEU A 71 -4.25 3.85 -4.67
N LEU A 72 -4.45 4.31 -5.90
CA LEU A 72 -4.65 3.44 -7.05
C LEU A 72 -3.50 3.59 -8.05
N SER A 73 -3.00 2.45 -8.50
CA SER A 73 -1.93 2.43 -9.46
C SER A 73 -2.48 2.90 -10.79
N PRO A 74 -1.61 3.23 -11.75
CA PRO A 74 -2.07 3.34 -13.13
C PRO A 74 -2.64 2.01 -13.59
N VAL A 75 -3.32 2.03 -14.74
CA VAL A 75 -3.91 0.82 -15.29
C VAL A 75 -2.88 0.05 -16.10
N TYR A 76 -2.71 -1.24 -15.79
CA TYR A 76 -1.72 -2.14 -16.40
C TYR A 76 -2.40 -3.16 -17.31
N ASP A 77 -1.66 -3.66 -18.29
CA ASP A 77 -2.25 -4.49 -19.34
C ASP A 77 -1.74 -5.92 -19.26
N ALA A 78 -2.48 -6.80 -18.59
CA ALA A 78 -2.16 -8.23 -18.54
C ALA A 78 -0.66 -8.54 -18.42
N GLU A 79 0.05 -7.73 -17.60
CA GLU A 79 1.37 -7.99 -17.03
C GLU A 79 1.27 -8.91 -15.85
N LEU A 80 0.11 -9.50 -15.69
CA LEU A 80 -0.11 -10.42 -14.59
C LEU A 80 -0.19 -11.78 -15.13
N ALA A 81 -0.16 -11.88 -16.44
CA ALA A 81 -0.36 -13.16 -17.08
C ALA A 81 0.90 -13.87 -17.10
N LYS A 82 1.89 -13.27 -16.49
CA LYS A 82 3.09 -13.97 -16.39
C LYS A 82 3.06 -14.41 -15.01
N ASN A 83 4.22 -14.66 -14.49
CA ASN A 83 4.21 -14.93 -13.12
C ASN A 83 4.19 -13.51 -12.70
N GLY A 84 3.04 -12.94 -12.41
CA GLY A 84 3.00 -11.60 -11.90
C GLY A 84 3.12 -11.41 -10.42
N CYS A 85 3.91 -10.44 -10.00
CA CYS A 85 4.10 -10.09 -8.59
C CYS A 85 3.78 -8.66 -8.29
N PHE A 86 3.22 -8.42 -7.10
CA PHE A 86 3.23 -7.09 -6.49
C PHE A 86 4.02 -7.13 -5.20
N ILE A 87 5.07 -6.31 -5.14
CA ILE A 87 6.03 -6.26 -4.03
C ILE A 87 6.02 -4.85 -3.49
N PHE A 88 5.94 -4.70 -2.17
CA PHE A 88 5.91 -3.35 -1.60
C PHE A 88 6.40 -3.37 -0.15
N TYR A 89 6.78 -2.21 0.36
CA TYR A 89 7.23 -2.10 1.74
C TYR A 89 6.24 -1.26 2.54
N TYR A 90 6.06 -1.60 3.81
CA TYR A 90 5.06 -0.92 4.63
C TYR A 90 5.55 -0.73 6.06
N HIS A 91 4.98 0.29 6.71
CA HIS A 91 5.32 0.67 8.07
C HIS A 91 4.04 0.89 8.85
N MET A 92 3.83 0.08 9.87
CA MET A 92 2.62 0.06 10.70
C MET A 92 3.06 0.09 12.15
N TYR A 93 3.28 1.30 12.67
CA TYR A 93 3.80 1.51 14.01
C TYR A 93 2.85 2.39 14.77
N GLY A 94 2.36 1.92 15.92
CA GLY A 94 1.44 2.73 16.69
C GLY A 94 0.43 1.90 17.45
N ARG A 95 0.19 2.29 18.70
CA ARG A 95 -0.77 1.58 19.51
C ARG A 95 -2.16 2.03 19.06
N GLY A 96 -3.11 1.10 19.02
CA GLY A 96 -4.37 1.50 18.40
C GLY A 96 -4.30 1.59 16.89
N MET A 97 -3.28 0.98 16.30
CA MET A 97 -3.12 0.88 14.85
C MET A 97 -4.37 0.31 14.20
N GLY A 98 -4.72 0.83 13.02
CA GLY A 98 -5.72 0.22 12.17
C GLY A 98 -5.14 -0.86 11.26
N GLY A 99 -5.43 -0.79 9.96
CA GLY A 99 -5.14 -1.88 9.07
C GLY A 99 -4.70 -1.42 7.70
N LEU A 100 -4.21 -2.39 6.91
CA LEU A 100 -3.69 -2.17 5.56
C LEU A 100 -4.15 -3.30 4.67
N ARG A 101 -4.77 -2.97 3.54
CA ARG A 101 -5.21 -3.96 2.58
C ARG A 101 -4.69 -3.58 1.21
N VAL A 102 -4.33 -4.59 0.43
CA VAL A 102 -3.85 -4.42 -0.93
C VAL A 102 -4.71 -5.34 -1.79
N TYR A 103 -5.47 -4.75 -2.71
CA TYR A 103 -6.33 -5.47 -3.63
C TYR A 103 -5.76 -5.39 -5.04
N GLN A 104 -6.13 -6.38 -5.85
CA GLN A 104 -5.97 -6.34 -7.30
C GLN A 104 -7.34 -6.15 -7.94
N LYS A 105 -7.54 -5.04 -8.62
CA LYS A 105 -8.85 -4.71 -9.16
C LYS A 105 -8.82 -4.91 -10.66
N PRO A 106 -9.57 -5.86 -11.20
CA PRO A 106 -9.79 -5.86 -12.64
C PRO A 106 -10.56 -4.62 -13.05
N ASP A 107 -10.22 -4.11 -14.24
CA ASP A 107 -10.77 -2.84 -14.68
C ASP A 107 -12.30 -2.89 -14.74
N ARG A 108 -12.86 -4.00 -15.25
CA ARG A 108 -14.31 -4.12 -15.39
C ARG A 108 -14.98 -4.08 -14.03
N VAL A 109 -14.36 -4.69 -13.02
CA VAL A 109 -14.92 -4.79 -11.66
C VAL A 109 -15.03 -3.39 -11.05
N PRO A 110 -16.23 -2.93 -10.70
CA PRO A 110 -16.34 -1.61 -10.11
C PRO A 110 -15.81 -1.62 -8.68
N MET A 111 -15.32 -0.45 -8.26
CA MET A 111 -14.78 -0.33 -6.90
C MET A 111 -15.80 -0.74 -5.85
N TYR A 112 -17.09 -0.59 -6.15
CA TYR A 112 -18.14 -0.95 -5.20
C TYR A 112 -18.12 -2.45 -4.89
N GLN A 113 -18.08 -3.30 -5.93
CA GLN A 113 -18.05 -4.75 -5.71
C GLN A 113 -16.69 -5.17 -5.13
N LEU A 114 -15.60 -4.58 -5.66
CA LEU A 114 -14.25 -4.87 -5.19
C LEU A 114 -14.16 -4.77 -3.68
N LEU A 115 -14.79 -3.75 -3.10
CA LEU A 115 -14.61 -3.49 -1.67
C LEU A 115 -15.66 -4.17 -0.82
N SER A 116 -16.81 -4.51 -1.42
CA SER A 116 -17.89 -5.16 -0.70
C SER A 116 -17.39 -6.34 0.11
N SER A 117 -18.07 -6.62 1.22
CA SER A 117 -17.73 -7.80 2.02
C SER A 117 -17.93 -9.08 1.24
N SER A 118 -18.95 -9.11 0.38
CA SER A 118 -19.35 -10.34 -0.32
C SER A 118 -18.24 -10.87 -1.22
N LYS A 119 -17.41 -9.98 -1.77
CA LYS A 119 -16.53 -10.37 -2.88
C LYS A 119 -15.08 -9.93 -2.70
N ARG A 120 -14.68 -9.35 -1.57
CA ARG A 120 -13.33 -8.80 -1.51
C ARG A 120 -12.23 -9.86 -1.34
N ASN A 121 -12.55 -11.07 -0.87
CA ASN A 121 -11.46 -12.02 -0.67
C ASN A 121 -10.92 -12.51 -2.00
N ASN A 122 -11.75 -12.49 -3.05
CA ASN A 122 -11.26 -12.87 -4.38
C ASN A 122 -10.22 -11.90 -4.92
N TYR A 123 -10.13 -10.69 -4.35
CA TYR A 123 -9.24 -9.67 -4.89
C TYR A 123 -8.13 -9.23 -3.93
N LEU A 124 -8.15 -9.65 -2.67
CA LEU A 124 -7.12 -9.24 -1.71
C LEU A 124 -5.78 -9.88 -2.01
N LEU A 125 -4.78 -9.04 -2.27
CA LEU A 125 -3.39 -9.49 -2.28
C LEU A 125 -2.78 -9.54 -0.88
N PHE A 126 -3.21 -8.64 -0.01
CA PHE A 126 -2.51 -8.51 1.26
C PHE A 126 -3.46 -7.91 2.28
N GLU A 127 -3.40 -8.40 3.51
CA GLU A 127 -4.18 -7.82 4.59
C GLU A 127 -3.40 -7.93 5.90
N GLN A 128 -3.24 -6.81 6.61
CA GLN A 128 -2.52 -6.80 7.87
C GLN A 128 -3.22 -5.87 8.85
N TRP A 129 -3.19 -6.23 10.14
CA TRP A 129 -3.86 -5.44 11.17
C TRP A 129 -3.01 -5.32 12.42
N GLY A 130 -3.12 -4.18 13.08
CA GLY A 130 -2.54 -3.96 14.39
C GLY A 130 -1.11 -3.44 14.34
N ASP A 131 -0.61 -3.09 15.53
CA ASP A 131 0.77 -2.65 15.68
C ASP A 131 1.72 -3.72 15.18
N GLN A 132 2.68 -3.33 14.34
CA GLN A 132 3.73 -4.21 13.84
C GLN A 132 5.12 -3.79 14.30
N GLY A 133 5.22 -2.70 15.06
CA GLY A 133 6.48 -2.21 15.59
C GLY A 133 7.09 -1.11 14.71
N ASN A 134 8.16 -0.51 15.23
CA ASN A 134 8.82 0.63 14.57
C ASN A 134 9.83 0.11 13.55
N GLU A 135 9.34 -0.29 12.39
CA GLU A 135 10.19 -0.96 11.43
C GLU A 135 9.52 -1.10 10.07
N TRP A 136 10.31 -0.98 8.99
CA TRP A 136 9.84 -1.23 7.64
C TRP A 136 9.84 -2.72 7.34
N TYR A 137 8.66 -3.27 7.01
CA TYR A 137 8.49 -4.64 6.56
C TYR A 137 8.21 -4.64 5.07
N SER A 138 8.12 -5.83 4.48
CA SER A 138 7.84 -5.90 3.07
C SER A 138 6.91 -7.09 2.81
N SER A 139 6.31 -7.07 1.63
CA SER A 139 5.40 -8.13 1.25
C SER A 139 5.50 -8.34 -0.25
N ALA A 140 5.34 -9.59 -0.67
CA ALA A 140 5.27 -9.92 -2.08
C ALA A 140 4.07 -10.83 -2.28
N SER A 141 3.28 -10.55 -3.31
CA SER A 141 2.00 -11.20 -3.50
C SER A 141 1.92 -11.68 -4.93
N MET A 142 1.64 -12.96 -5.10
CA MET A 142 1.28 -13.46 -6.40
C MET A 142 -0.03 -12.83 -6.86
N LEU A 143 -0.11 -12.64 -8.15
CA LEU A 143 -1.14 -11.85 -8.78
C LEU A 143 -1.85 -12.84 -9.70
N THR A 144 -3.18 -12.81 -9.76
CA THR A 144 -3.96 -13.82 -10.49
C THR A 144 -4.25 -13.42 -11.88
N ASP A 145 -4.58 -14.31 -12.80
CA ASP A 145 -4.80 -13.87 -14.19
C ASP A 145 -6.26 -13.64 -14.35
N VAL A 146 -6.64 -12.39 -14.51
CA VAL A 146 -8.04 -12.06 -14.57
C VAL A 146 -8.50 -11.73 -15.98
N ASP A 147 -7.64 -11.96 -16.97
CA ASP A 147 -8.00 -11.74 -18.38
C ASP A 147 -8.60 -10.34 -18.58
N ASP A 148 -7.91 -9.34 -18.04
CA ASP A 148 -8.34 -7.95 -18.09
C ASP A 148 -7.14 -7.06 -17.79
N ASP A 149 -7.30 -5.78 -18.11
CA ASP A 149 -6.43 -4.79 -17.51
C ASP A 149 -6.76 -4.70 -16.03
N PHE A 150 -5.90 -4.04 -15.27
CA PHE A 150 -6.13 -4.03 -13.84
C PHE A 150 -5.44 -2.84 -13.20
N GLN A 151 -5.74 -2.66 -11.93
CA GLN A 151 -5.10 -1.71 -11.05
C GLN A 151 -4.78 -2.37 -9.72
N ILE A 152 -3.78 -1.79 -9.05
CA ILE A 152 -3.41 -2.19 -7.71
C ILE A 152 -3.95 -1.12 -6.79
N VAL A 153 -4.63 -1.53 -5.73
CA VAL A 153 -5.34 -0.62 -4.84
C VAL A 153 -4.83 -0.85 -3.44
N ILE A 154 -4.17 0.16 -2.87
CA ILE A 154 -3.69 0.11 -1.50
C ILE A 154 -4.65 0.93 -0.63
N GLU A 155 -5.26 0.28 0.34
CA GLU A 155 -6.27 0.87 1.20
C GLU A 155 -5.83 0.83 2.65
N GLY A 156 -5.65 2.01 3.24
CA GLY A 156 -5.40 2.12 4.67
C GLY A 156 -6.68 2.39 5.45
N ILE A 157 -6.79 1.76 6.61
CA ILE A 157 -7.97 1.90 7.47
C ILE A 157 -7.49 2.49 8.79
N ARG A 158 -8.02 3.65 9.17
CA ARG A 158 -7.59 4.26 10.42
C ARG A 158 -8.02 3.42 11.61
N GLY A 159 -7.15 3.35 12.60
CA GLY A 159 -7.43 2.64 13.84
C GLY A 159 -8.23 3.47 14.81
N ASN A 160 -8.20 3.04 16.08
CA ASN A 160 -9.03 3.61 17.11
C ASN A 160 -8.44 4.86 17.75
N SER A 161 -7.30 5.36 17.29
CA SER A 161 -6.71 6.56 17.88
C SER A 161 -5.84 7.23 16.82
N PHE A 162 -5.32 8.42 17.16
CA PHE A 162 -4.47 9.16 16.21
C PHE A 162 -3.09 8.52 16.02
N MET A 163 -2.74 7.53 16.84
CA MET A 163 -1.48 6.80 16.71
C MET A 163 -1.68 5.54 15.86
N SER A 164 -2.08 5.77 14.61
CA SER A 164 -2.28 4.69 13.67
C SER A 164 -1.88 5.09 12.26
N ASP A 165 -0.85 5.93 12.14
CA ASP A 165 -0.28 6.25 10.83
C ASP A 165 0.32 4.98 10.21
N ILE A 166 0.04 4.78 8.93
CA ILE A 166 0.60 3.71 8.12
C ILE A 166 1.24 4.32 6.89
N ALA A 167 2.41 3.79 6.51
CA ALA A 167 3.15 4.25 5.34
C ALA A 167 3.50 3.09 4.43
N ILE A 168 3.59 3.41 3.14
CA ILE A 168 4.09 2.53 2.10
C ILE A 168 5.20 3.24 1.36
N ASP A 169 6.00 2.42 0.68
CA ASP A 169 7.12 2.87 -0.13
C ASP A 169 7.52 1.72 -1.06
N ASP A 170 8.22 2.09 -2.12
CA ASP A 170 8.91 1.18 -3.02
C ASP A 170 7.99 0.06 -3.51
N VAL A 171 6.99 0.46 -4.30
CA VAL A 171 6.05 -0.52 -4.85
C VAL A 171 6.57 -1.02 -6.18
N SER A 172 6.05 -2.16 -6.62
CA SER A 172 6.75 -2.87 -7.69
C SER A 172 5.85 -3.95 -8.24
N ILE A 173 5.80 -4.07 -9.56
CA ILE A 173 5.27 -5.27 -10.21
C ILE A 173 6.41 -5.94 -10.94
N GLN A 174 6.54 -7.26 -10.78
CA GLN A 174 7.62 -7.98 -11.44
C GLN A 174 7.10 -9.28 -12.07
N ARG A 175 7.93 -9.93 -12.90
CA ARG A 175 7.47 -11.12 -13.62
C ARG A 175 8.52 -12.23 -13.62
N GLY A 176 8.01 -13.44 -13.68
CA GLY A 176 8.87 -14.59 -13.77
C GLY A 176 9.82 -14.93 -12.70
N GLU A 177 11.08 -14.98 -13.07
CA GLU A 177 12.07 -15.35 -12.13
C GLU A 177 12.06 -14.39 -11.01
N ASN A 178 11.96 -13.12 -11.32
CA ASN A 178 12.02 -12.12 -10.31
C ASN A 178 10.98 -12.39 -9.24
N CYS A 179 9.83 -12.91 -9.61
CA CYS A 179 8.82 -13.33 -8.64
C CYS A 179 9.30 -14.47 -7.75
N THR A 180 9.81 -15.54 -8.34
CA THR A 180 10.24 -16.66 -7.52
C THR A 180 11.37 -16.24 -6.58
N LYS A 181 12.25 -15.32 -7.01
CA LYS A 181 13.26 -14.72 -6.13
C LYS A 181 12.63 -13.97 -4.96
N ALA A 182 11.82 -12.97 -5.29
CA ALA A 182 11.05 -12.21 -4.32
C ALA A 182 10.42 -13.13 -3.28
N MET A 183 9.77 -14.18 -3.76
CA MET A 183 9.14 -15.14 -2.84
C MET A 183 10.16 -15.86 -2.00
N LEU A 184 11.37 -16.05 -2.51
CA LEU A 184 12.41 -16.66 -1.69
C LEU A 184 12.79 -15.77 -0.50
N HIS A 185 12.65 -14.44 -0.61
CA HIS A 185 13.04 -13.62 0.55
C HIS A 185 12.03 -12.57 1.04
N HIS A 186 10.90 -12.40 0.40
CA HIS A 186 9.89 -11.49 0.93
C HIS A 186 8.83 -12.30 1.65
N HIS A 187 8.33 -11.77 2.77
CA HIS A 187 7.19 -12.41 3.40
C HIS A 187 6.03 -12.48 2.41
N HIS A 188 5.46 -13.66 2.28
CA HIS A 188 4.31 -13.87 1.41
C HIS A 188 3.28 -14.78 2.04
N HIS A 189 2.19 -15.02 1.31
CA HIS A 189 1.17 -15.98 1.71
C HIS A 189 1.24 -17.24 0.88
C1 NAG B . -13.62 -1.57 12.62
C2 NAG B . -14.65 -2.11 13.66
C3 NAG B . -14.04 -3.29 14.39
C4 NAG B . -13.67 -4.41 13.42
C5 NAG B . -12.68 -3.93 12.36
C6 NAG B . -12.36 -5.00 11.31
C7 NAG B . -16.03 -0.19 14.40
C8 NAG B . -16.36 0.73 15.54
N2 NAG B . -15.08 -1.10 14.63
O3 NAG B . -14.98 -3.76 15.34
O4 NAG B . -13.05 -5.45 14.22
O5 NAG B . -13.20 -2.78 11.66
O6 NAG B . -13.01 -4.74 10.06
O7 NAG B . -16.57 -0.06 13.28
C1 NAG C . 14.24 -9.19 -13.60
C2 NAG C . 13.78 -9.02 -15.08
C3 NAG C . 14.97 -8.64 -15.98
C4 NAG C . 15.78 -7.47 -15.45
C5 NAG C . 16.19 -7.64 -13.97
C6 NAG C . 16.78 -6.38 -13.36
C7 NAG C . 11.93 -10.29 -16.11
C8 NAG C . 11.42 -11.66 -16.54
N2 NAG C . 13.16 -10.26 -15.56
O3 NAG C . 14.45 -8.26 -17.26
O4 NAG C . 16.97 -7.53 -16.24
O5 NAG C . 15.05 -7.96 -13.16
O6 NAG C . 15.77 -5.38 -13.20
O7 NAG C . 11.28 -9.26 -16.27
CA CA D . 10.62 6.43 -1.17
#